data_6A36
#
_entry.id   6A36
#
_cell.length_a   137.749
_cell.length_b   137.749
_cell.length_c   111.876
_cell.angle_alpha   90.00
_cell.angle_beta   90.00
_cell.angle_gamma   90.00
#
_symmetry.space_group_name_H-M   'I 4 2 2'
#
loop_
_entity.id
_entity.type
_entity.pdbx_description
1 polymer '4-hydroxymandelate oxidase'
2 non-polymer 1-{5-[(3S)-3-carboxy-4-fluoro-3-hydroxybutanoyl]-7,8-dimethyl-2,4-dioxo-1,3,4,5-tetrahydrobenzo[g]pteridin-10(2H)-yl}-1-deoxy-5-O-phosphono-D-ribitol
3 non-polymer 1-deoxy-1-{5-[(1S)-2-fluoro-1-hydroxyethyl]-7,8-dimethyl-2,4-dioxo-1,3,4,5-tetrahydrobenzo[g]pteridin-10(2H)-yl}-5-O-phosphono-D-ribitol
4 water water
#
_entity_poly.entity_id   1
_entity_poly.type   'polypeptide(L)'
_entity_poly.pdbx_seq_one_letter_code
;MGSSHHHHHHSSGLVPRGSHMTYVSLADLERAARDVLPGEIFDFLAGGSGTEASLVANRTALERVFVIPRMLRDLTDVTT
EIDIFGRRAALPMAVAPVAYQRLFHPEGELAVARAARDAGVPYTICTLSSVSLEEIAAVGGRPWFQLFWLRDEKRSLDLV
RRAEDAGCEAIVFTVDVPWMGRRLRDMRNGFALPEWVTAANFDAGTAAHRRTQGVSAVADHTAREFAPATWESVEAVRAH
TDLPVVLKGILAVEDARRAVDAGAGGIVVSNHGGRQLDGAVPGIEMLGEIVAAVSGGCEVLVDGGIRSGGDVLKATALGA
SAVLVGRPVMWALAAAGQDGVRQLLELLAEEVRDAMGLAGCESVGAARRLNTKLGVV
;
_entity_poly.pdbx_strand_id   A
#
loop_
_chem_comp.id
_chem_comp.type
_chem_comp.name
_chem_comp.formula
9P9 non-polymer 1-{5-[(3S)-3-carboxy-4-fluoro-3-hydroxybutanoyl]-7,8-dimethyl-2,4-dioxo-1,3,4,5-tetrahydrobenzo[g]pteridin-10(2H)-yl}-1-deoxy-5-O-phosphono-D-ribitol 'C22 H28 F N4 O13 P'
9PF non-polymer 1-deoxy-1-{5-[(1S)-2-fluoro-1-hydroxyethyl]-7,8-dimethyl-2,4-dioxo-1,3,4,5-tetrahydrobenzo[g]pteridin-10(2H)-yl}-5-O-phosphono-D-ribitol 'C19 H26 F N4 O10 P'
#
# COMPACT_ATOMS: atom_id res chain seq x y z
N TYR A 23 -17.77 10.19 10.12
CA TYR A 23 -16.56 10.58 9.34
C TYR A 23 -16.95 10.81 7.89
N VAL A 24 -16.68 12.01 7.37
CA VAL A 24 -17.05 12.34 5.97
C VAL A 24 -15.84 12.46 5.03
N SER A 25 -14.64 12.45 5.61
CA SER A 25 -13.38 12.40 4.86
C SER A 25 -12.33 11.63 5.69
N LEU A 26 -11.26 11.24 5.03
CA LEU A 26 -10.15 10.55 5.71
C LEU A 26 -9.50 11.46 6.72
N ALA A 27 -9.51 12.76 6.46
CA ALA A 27 -8.92 13.76 7.36
C ALA A 27 -9.60 13.82 8.72
N ASP A 28 -10.90 13.51 8.78
CA ASP A 28 -11.60 13.41 10.07
C ASP A 28 -10.91 12.40 11.00
N LEU A 29 -10.47 11.27 10.43
CA LEU A 29 -9.88 10.21 11.23
C LEU A 29 -8.48 10.54 11.76
N GLU A 30 -7.69 11.36 11.05
CA GLU A 30 -6.36 11.72 11.56
C GLU A 30 -6.50 12.50 12.87
N ARG A 31 -7.45 13.43 12.92
CA ARG A 31 -7.70 14.24 14.11
C ARG A 31 -8.05 13.29 15.27
N ALA A 32 -8.97 12.37 15.02
CA ALA A 32 -9.37 11.37 15.99
C ALA A 32 -8.21 10.51 16.52
N ALA A 33 -7.32 10.08 15.62
CA ALA A 33 -6.16 9.29 16.02
C ALA A 33 -5.15 10.10 16.83
N ARG A 34 -4.96 11.36 16.48
CA ARG A 34 -4.04 12.19 17.24
C ARG A 34 -4.52 12.35 18.70
N ASP A 35 -5.83 12.52 18.88
CA ASP A 35 -6.41 12.62 20.23
C ASP A 35 -6.07 11.42 21.09
N VAL A 36 -6.26 10.22 20.55
CA VAL A 36 -6.17 8.99 21.34
C VAL A 36 -4.77 8.44 21.53
N LEU A 37 -3.92 8.52 20.50
CA LEU A 37 -2.62 7.87 20.60
C LEU A 37 -1.63 8.68 21.42
N PRO A 38 -0.74 7.99 22.15
CA PRO A 38 0.41 8.65 22.73
C PRO A 38 1.21 9.35 21.64
N GLY A 39 1.72 10.53 21.96
CA GLY A 39 2.47 11.33 21.02
C GLY A 39 3.55 10.58 20.26
N GLU A 40 4.35 9.77 20.96
CA GLU A 40 5.48 9.14 20.31
C GLU A 40 5.00 8.09 19.32
N ILE A 41 3.86 7.47 19.61
CA ILE A 41 3.26 6.50 18.68
C ILE A 41 2.65 7.21 17.48
N PHE A 42 1.94 8.31 17.69
CA PHE A 42 1.45 9.09 16.57
C PHE A 42 2.62 9.53 15.69
N ASP A 43 3.73 9.93 16.30
CA ASP A 43 4.90 10.36 15.53
C ASP A 43 5.54 9.22 14.75
N PHE A 44 5.65 8.02 15.33
CA PHE A 44 6.14 6.84 14.62
C PHE A 44 5.29 6.59 13.37
N LEU A 45 3.99 6.75 13.50
CA LEU A 45 3.04 6.59 12.39
C LEU A 45 3.14 7.71 11.34
N ALA A 46 3.11 8.96 11.79
CA ALA A 46 3.01 10.12 10.89
C ALA A 46 4.33 10.44 10.21
N GLY A 47 5.42 10.20 10.91
CA GLY A 47 6.71 10.73 10.49
C GLY A 47 7.32 10.14 9.22
N GLY A 48 8.32 10.88 8.72
CA GLY A 48 9.15 10.43 7.61
C GLY A 48 10.60 10.60 7.99
N SER A 49 11.48 10.36 7.03
CA SER A 49 12.90 10.49 7.24
C SER A 49 13.36 11.92 7.01
N GLY A 50 14.50 12.25 7.61
CA GLY A 50 15.14 13.52 7.35
C GLY A 50 14.27 14.72 7.64
N THR A 51 14.19 15.64 6.68
CA THR A 51 13.36 16.83 6.78
C THR A 51 11.90 16.62 6.36
N GLU A 52 11.55 15.37 6.04
CA GLU A 52 10.20 14.99 5.63
C GLU A 52 9.84 15.62 4.29
N ALA A 53 10.84 15.91 3.47
CA ALA A 53 10.60 16.43 2.14
C ALA A 53 9.78 15.49 1.28
N SER A 54 10.10 14.20 1.33
CA SER A 54 9.40 13.23 0.48
C SER A 54 7.99 12.95 1.00
N LEU A 55 7.83 12.98 2.31
CA LEU A 55 6.51 12.86 2.93
C LEU A 55 5.58 13.96 2.43
N VAL A 56 6.04 15.21 2.50
CA VAL A 56 5.23 16.32 2.03
C VAL A 56 5.02 16.25 0.51
N ALA A 57 6.07 15.86 -0.24
CA ALA A 57 5.95 15.82 -1.68
C ALA A 57 4.93 14.79 -2.17
N ASN A 58 4.73 13.73 -1.40
CA ASN A 58 3.72 12.75 -1.79
C ASN A 58 2.34 13.42 -1.89
N ARG A 59 2.06 14.32 -0.95
CA ARG A 59 0.81 15.07 -0.97
C ARG A 59 0.79 16.12 -2.04
N THR A 60 1.87 16.89 -2.14
N THR A 60 1.85 16.91 -2.16
CA THR A 60 1.96 17.95 -3.13
CA THR A 60 1.81 17.98 -3.14
C THR A 60 1.78 17.41 -4.53
C THR A 60 1.80 17.44 -4.57
N ALA A 61 2.41 16.28 -4.81
CA ALA A 61 2.35 15.67 -6.12
C ALA A 61 0.93 15.31 -6.52
N LEU A 62 0.13 14.77 -5.59
CA LEU A 62 -1.25 14.43 -5.90
C LEU A 62 -2.10 15.68 -6.10
N GLU A 63 -1.82 16.70 -5.31
CA GLU A 63 -2.59 17.94 -5.38
C GLU A 63 -2.40 18.68 -6.70
N ARG A 64 -1.27 18.46 -7.36
CA ARG A 64 -1.01 19.12 -8.64
C ARG A 64 -1.66 18.42 -9.82
N VAL A 65 -2.15 17.19 -9.63
CA VAL A 65 -2.75 16.43 -10.71
C VAL A 65 -4.23 16.78 -10.80
N PHE A 66 -4.71 17.12 -11.98
CA PHE A 66 -6.14 17.31 -12.20
C PHE A 66 -6.63 16.32 -13.23
N VAL A 67 -7.84 15.81 -13.05
CA VAL A 67 -8.44 14.87 -13.96
C VAL A 67 -9.28 15.59 -15.00
N ILE A 68 -9.25 15.10 -16.24
CA ILE A 68 -10.12 15.60 -17.30
C ILE A 68 -11.28 14.59 -17.41
N PRO A 69 -12.44 14.87 -16.79
CA PRO A 69 -13.50 13.89 -16.80
C PRO A 69 -14.20 13.80 -18.12
N ARG A 70 -14.82 12.67 -18.40
CA ARG A 70 -15.66 12.45 -19.56
C ARG A 70 -17.12 12.54 -19.13
N MET A 71 -17.94 12.96 -20.06
CA MET A 71 -19.37 13.12 -19.79
C MET A 71 -20.18 12.22 -20.71
N LEU A 72 -21.43 12.00 -20.32
CA LEU A 72 -22.45 11.44 -21.20
C LEU A 72 -22.20 9.97 -21.53
N ARG A 73 -21.48 9.27 -20.66
CA ARG A 73 -21.27 7.83 -20.87
CA ARG A 73 -21.26 7.83 -20.83
C ARG A 73 -22.25 7.05 -20.00
N ASP A 74 -22.51 5.80 -20.41
CA ASP A 74 -23.41 4.92 -19.68
C ASP A 74 -22.84 4.58 -18.31
N LEU A 75 -23.59 4.90 -17.28
CA LEU A 75 -23.22 4.62 -15.89
C LEU A 75 -24.26 3.72 -15.24
N THR A 76 -24.91 2.86 -16.01
CA THR A 76 -25.97 2.05 -15.45
C THR A 76 -25.44 1.03 -14.44
N ASP A 77 -24.22 0.54 -14.67
CA ASP A 77 -23.63 -0.45 -13.77
C ASP A 77 -22.16 -0.10 -13.44
N VAL A 78 -21.97 1.01 -12.74
CA VAL A 78 -20.60 1.42 -12.34
C VAL A 78 -20.07 0.36 -11.39
N THR A 79 -18.88 -0.13 -11.67
CA THR A 79 -18.23 -1.12 -10.82
C THR A 79 -16.81 -0.65 -10.53
N THR A 80 -16.47 -0.73 -9.25
CA THR A 80 -15.12 -0.39 -8.80
C THR A 80 -14.22 -1.61 -8.67
N GLU A 81 -14.69 -2.79 -9.08
CA GLU A 81 -13.91 -4.00 -8.94
C GLU A 81 -12.74 -4.11 -9.91
N ILE A 82 -11.72 -4.84 -9.46
CA ILE A 82 -10.62 -5.22 -10.32
C ILE A 82 -10.30 -6.69 -10.12
N ASP A 83 -9.60 -7.27 -11.06
CA ASP A 83 -8.96 -8.56 -10.89
C ASP A 83 -7.47 -8.32 -10.77
N ILE A 84 -6.87 -8.83 -9.71
CA ILE A 84 -5.45 -8.65 -9.51
C ILE A 84 -4.87 -9.87 -8.78
N PHE A 85 -3.74 -10.35 -9.31
CA PHE A 85 -3.04 -11.54 -8.76
C PHE A 85 -4.01 -12.69 -8.54
N GLY A 86 -4.92 -12.89 -9.49
CA GLY A 86 -5.86 -14.00 -9.50
C GLY A 86 -7.08 -13.89 -8.58
N ARG A 87 -7.33 -12.72 -8.01
CA ARG A 87 -8.50 -12.54 -7.13
C ARG A 87 -9.26 -11.29 -7.57
N ARG A 88 -10.57 -11.31 -7.41
CA ARG A 88 -11.36 -10.11 -7.56
C ARG A 88 -11.19 -9.30 -6.29
N ALA A 89 -11.01 -8.00 -6.42
CA ALA A 89 -11.00 -7.09 -5.29
C ALA A 89 -12.11 -6.08 -5.49
N ALA A 90 -12.70 -5.61 -4.40
CA ALA A 90 -13.88 -4.75 -4.47
C ALA A 90 -13.57 -3.34 -4.95
N LEU A 91 -12.31 -2.94 -4.78
CA LEU A 91 -11.82 -1.60 -5.09
C LEU A 91 -10.43 -1.76 -5.67
N PRO A 92 -9.92 -0.76 -6.40
CA PRO A 92 -8.52 -0.80 -6.84
C PRO A 92 -7.60 -0.32 -5.72
N MET A 93 -7.62 -1.06 -4.62
CA MET A 93 -6.96 -0.62 -3.41
CA MET A 93 -6.93 -0.64 -3.43
C MET A 93 -6.65 -1.84 -2.54
N ALA A 94 -5.54 -1.79 -1.83
CA ALA A 94 -5.20 -2.74 -0.80
C ALA A 94 -4.65 -1.99 0.40
N VAL A 95 -4.72 -2.62 1.57
CA VAL A 95 -4.10 -2.05 2.75
C VAL A 95 -2.60 -2.27 2.69
N ALA A 96 -1.86 -1.16 2.79
CA ALA A 96 -0.40 -1.22 2.74
C ALA A 96 0.16 -2.00 3.93
N PRO A 97 1.33 -2.60 3.76
CA PRO A 97 2.03 -3.18 4.89
C PRO A 97 2.49 -2.12 5.84
N VAL A 98 1.99 -2.16 7.09
CA VAL A 98 2.42 -1.27 8.16
C VAL A 98 2.79 -2.13 9.36
N ALA A 99 4.03 -2.06 9.80
CA ALA A 99 4.50 -2.90 10.93
C ALA A 99 3.79 -2.57 12.24
N TYR A 100 3.70 -3.59 13.09
CA TYR A 100 3.42 -3.39 14.54
C TYR A 100 2.07 -2.71 14.82
N GLN A 101 0.99 -3.26 14.26
CA GLN A 101 -0.31 -2.59 14.36
C GLN A 101 -0.91 -2.58 15.78
N ARG A 102 -0.40 -3.45 16.65
CA ARG A 102 -0.79 -3.38 18.06
C ARG A 102 -0.34 -2.09 18.71
N LEU A 103 0.58 -1.35 18.08
CA LEU A 103 0.89 -0.03 18.57
C LEU A 103 -0.33 0.87 18.62
N PHE A 104 -1.28 0.66 17.72
CA PHE A 104 -2.40 1.59 17.49
C PHE A 104 -3.72 1.17 18.12
N HIS A 105 -3.88 -0.12 18.38
CA HIS A 105 -5.11 -0.67 18.95
C HIS A 105 -4.78 -2.06 19.47
N PRO A 106 -5.39 -2.48 20.59
CA PRO A 106 -5.04 -3.83 21.08
C PRO A 106 -5.30 -5.01 20.16
N GLU A 107 -6.29 -4.91 19.25
CA GLU A 107 -6.59 -5.99 18.34
C GLU A 107 -5.66 -5.95 17.11
N GLY A 108 -4.96 -4.83 16.97
CA GLY A 108 -3.92 -4.69 15.93
C GLY A 108 -4.32 -5.24 14.57
N GLU A 109 -3.47 -6.11 14.04
CA GLU A 109 -3.64 -6.62 12.68
C GLU A 109 -4.93 -7.39 12.49
N LEU A 110 -5.44 -8.05 13.55
CA LEU A 110 -6.64 -8.81 13.36
C LEU A 110 -7.86 -7.92 13.06
N ALA A 111 -7.93 -6.77 13.72
CA ALA A 111 -8.99 -5.80 13.48
C ALA A 111 -8.94 -5.30 12.03
N VAL A 112 -7.73 -4.94 11.62
CA VAL A 112 -7.62 -4.42 10.26
C VAL A 112 -7.92 -5.50 9.23
N ALA A 113 -7.40 -6.71 9.41
CA ALA A 113 -7.61 -7.78 8.46
C ALA A 113 -9.09 -8.19 8.34
N ARG A 114 -9.78 -8.21 9.49
CA ARG A 114 -11.21 -8.50 9.46
C ARG A 114 -12.02 -7.47 8.68
N ALA A 115 -11.73 -6.19 8.89
CA ALA A 115 -12.40 -5.11 8.16
C ALA A 115 -12.07 -5.18 6.66
N ALA A 116 -10.81 -5.44 6.33
CA ALA A 116 -10.44 -5.59 4.93
C ALA A 116 -11.15 -6.73 4.26
N ARG A 117 -11.16 -7.89 4.92
CA ARG A 117 -11.91 -9.03 4.43
C ARG A 117 -13.37 -8.68 4.16
N ASP A 118 -14.00 -8.02 5.12
CA ASP A 118 -15.42 -7.76 4.98
C ASP A 118 -15.69 -6.78 3.84
N ALA A 119 -14.74 -5.88 3.59
CA ALA A 119 -14.84 -4.88 2.51
C ALA A 119 -14.38 -5.42 1.15
N GLY A 120 -13.83 -6.62 1.10
CA GLY A 120 -13.34 -7.20 -0.13
C GLY A 120 -12.05 -6.56 -0.65
N VAL A 121 -11.25 -6.03 0.24
CA VAL A 121 -9.99 -5.30 -0.04
CA VAL A 121 -9.99 -5.49 -0.21
C VAL A 121 -8.84 -6.22 0.41
N PRO A 122 -7.81 -6.46 -0.40
CA PRO A 122 -6.66 -7.20 0.09
C PRO A 122 -5.96 -6.51 1.25
N TYR A 123 -5.47 -7.32 2.20
CA TYR A 123 -4.73 -6.87 3.35
C TYR A 123 -3.32 -7.44 3.24
N THR A 124 -2.32 -6.59 3.44
CA THR A 124 -0.94 -7.04 3.36
C THR A 124 -0.40 -7.31 4.76
N ILE A 125 -0.16 -8.60 5.03
CA ILE A 125 0.43 -9.04 6.30
C ILE A 125 1.92 -8.74 6.28
N CYS A 126 2.39 -8.10 7.33
CA CYS A 126 3.81 -7.69 7.41
C CYS A 126 4.74 -8.73 8.01
N THR A 127 5.97 -8.76 7.51
CA THR A 127 7.05 -9.51 8.16
C THR A 127 7.14 -9.09 9.65
N LEU A 128 6.99 -7.81 9.94
CA LEU A 128 7.05 -7.26 11.31
C LEU A 128 5.66 -7.09 11.92
N SER A 129 4.78 -8.05 11.64
CA SER A 129 3.43 -7.99 12.26
C SER A 129 3.53 -8.31 13.75
N SER A 130 2.66 -7.66 14.51
CA SER A 130 2.58 -7.87 15.98
C SER A 130 1.65 -9.01 16.36
N VAL A 131 1.03 -9.63 15.38
CA VAL A 131 0.29 -10.90 15.53
C VAL A 131 0.85 -11.82 14.45
N SER A 132 0.97 -13.11 14.70
CA SER A 132 1.60 -14.01 13.74
C SER A 132 0.85 -14.05 12.40
N LEU A 133 1.61 -14.23 11.33
CA LEU A 133 1.04 -14.26 10.00
C LEU A 133 -0.02 -15.35 9.85
N GLU A 134 0.15 -16.48 10.55
CA GLU A 134 -0.83 -17.55 10.43
C GLU A 134 -2.18 -17.17 11.08
N GLU A 135 -2.10 -16.49 12.22
CA GLU A 135 -3.33 -15.96 12.87
C GLU A 135 -4.04 -14.96 11.98
N ILE A 136 -3.28 -14.03 11.36
CA ILE A 136 -3.92 -13.04 10.53
C ILE A 136 -4.48 -13.69 9.29
N ALA A 137 -3.77 -14.65 8.67
CA ALA A 137 -4.27 -15.36 7.51
C ALA A 137 -5.59 -16.11 7.82
N ALA A 138 -5.71 -16.62 9.05
CA ALA A 138 -6.89 -17.39 9.43
C ALA A 138 -8.15 -16.54 9.46
N VAL A 139 -8.00 -15.23 9.55
CA VAL A 139 -9.12 -14.32 9.38
C VAL A 139 -9.85 -14.53 8.06
N GLY A 140 -9.11 -14.92 7.03
CA GLY A 140 -9.66 -15.13 5.69
C GLY A 140 -9.37 -13.93 4.82
N GLY A 141 -10.22 -13.72 3.83
CA GLY A 141 -10.05 -12.57 2.93
C GLY A 141 -8.90 -12.65 1.96
N ARG A 142 -8.38 -13.82 1.67
CA ARG A 142 -7.24 -13.93 0.69
C ARG A 142 -6.11 -12.83 0.76
N PRO A 143 -5.37 -12.74 1.89
CA PRO A 143 -4.32 -11.77 2.19
C PRO A 143 -3.04 -11.91 1.35
N TRP A 144 -2.27 -10.82 1.35
CA TRP A 144 -0.92 -10.84 0.78
C TRP A 144 0.09 -10.85 1.89
N PHE A 145 1.36 -11.16 1.59
CA PHE A 145 2.39 -11.18 2.60
C PHE A 145 3.58 -10.30 2.15
N GLN A 146 3.99 -9.39 3.02
CA GLN A 146 5.12 -8.50 2.75
C GLN A 146 6.36 -9.06 3.38
N LEU A 147 7.38 -9.25 2.54
CA LEU A 147 8.67 -9.80 2.93
C LEU A 147 9.74 -8.77 3.10
N PHE A 148 10.49 -8.80 4.19
CA PHE A 148 11.82 -8.18 4.28
C PHE A 148 12.85 -9.28 4.16
N TRP A 149 13.91 -8.98 3.42
CA TRP A 149 15.10 -9.82 3.37
C TRP A 149 15.89 -9.65 4.67
N LEU A 150 16.25 -10.77 5.24
CA LEU A 150 16.95 -10.75 6.51
C LEU A 150 18.36 -11.25 6.36
N ARG A 151 19.22 -10.83 7.29
CA ARG A 151 20.62 -11.28 7.37
C ARG A 151 20.70 -12.82 7.24
N ASP A 152 19.86 -13.52 7.98
CA ASP A 152 19.75 -14.96 7.75
C ASP A 152 18.76 -15.16 6.60
N GLU A 153 19.29 -15.44 5.40
CA GLU A 153 18.45 -15.71 4.20
C GLU A 153 17.38 -16.80 4.40
N LYS A 154 17.75 -17.90 5.04
CA LYS A 154 16.83 -19.01 5.23
C LYS A 154 15.60 -18.60 5.99
N ARG A 155 15.76 -17.67 6.94
CA ARG A 155 14.62 -17.09 7.67
C ARG A 155 13.63 -16.39 6.74
N SER A 156 14.15 -15.57 5.81
CA SER A 156 13.29 -14.93 4.79
CA SER A 156 13.29 -14.93 4.79
C SER A 156 12.58 -15.95 3.90
N LEU A 157 13.28 -16.96 3.42
CA LEU A 157 12.64 -17.95 2.59
C LEU A 157 11.61 -18.83 3.37
N ASP A 158 11.90 -19.08 4.64
CA ASP A 158 10.94 -19.75 5.53
C ASP A 158 9.67 -18.92 5.71
N LEU A 159 9.79 -17.61 5.81
CA LEU A 159 8.62 -16.75 5.93
C LEU A 159 7.81 -16.87 4.65
N VAL A 160 8.48 -16.91 3.49
CA VAL A 160 7.77 -17.03 2.25
C VAL A 160 6.93 -18.31 2.24
N ARG A 161 7.56 -19.43 2.60
CA ARG A 161 6.86 -20.70 2.61
C ARG A 161 5.74 -20.72 3.65
N ARG A 162 5.98 -20.16 4.84
CA ARG A 162 4.91 -20.00 5.84
C ARG A 162 3.74 -19.24 5.28
N ALA A 163 4.03 -18.13 4.60
CA ALA A 163 2.97 -17.31 4.06
C ALA A 163 2.16 -18.07 3.04
N GLU A 164 2.85 -18.77 2.14
CA GLU A 164 2.18 -19.55 1.13
C GLU A 164 1.34 -20.69 1.74
N ASP A 165 1.93 -21.40 2.70
CA ASP A 165 1.20 -22.49 3.38
C ASP A 165 -0.06 -21.96 4.07
N ALA A 166 -0.02 -20.73 4.58
CA ALA A 166 -1.16 -20.13 5.30
C ALA A 166 -2.22 -19.56 4.38
N GLY A 167 -1.99 -19.56 3.07
CA GLY A 167 -2.96 -19.11 2.09
C GLY A 167 -2.80 -17.67 1.62
N CYS A 168 -1.62 -17.08 1.86
CA CYS A 168 -1.39 -15.74 1.28
C CYS A 168 -1.28 -15.90 -0.23
N GLU A 169 -1.71 -14.88 -0.97
CA GLU A 169 -1.86 -15.00 -2.41
C GLU A 169 -0.83 -14.22 -3.23
N ALA A 170 0.03 -13.47 -2.55
CA ALA A 170 1.10 -12.72 -3.23
C ALA A 170 2.17 -12.44 -2.24
N ILE A 171 3.41 -12.35 -2.71
CA ILE A 171 4.53 -11.96 -1.89
C ILE A 171 4.93 -10.54 -2.29
N VAL A 172 4.75 -9.61 -1.38
CA VAL A 172 5.11 -8.21 -1.61
C VAL A 172 6.51 -8.07 -1.02
N PHE A 173 7.53 -8.09 -1.89
CA PHE A 173 8.91 -8.04 -1.44
C PHE A 173 9.29 -6.55 -1.38
N THR A 174 9.50 -6.03 -0.19
CA THR A 174 9.86 -4.63 -0.02
C THR A 174 11.35 -4.51 -0.28
N VAL A 175 11.73 -3.68 -1.26
CA VAL A 175 13.11 -3.62 -1.73
C VAL A 175 13.79 -2.31 -1.39
N ASP A 176 13.13 -1.43 -0.65
CA ASP A 176 13.67 -0.09 -0.38
C ASP A 176 14.19 0.10 1.04
N VAL A 177 14.39 -1.01 1.75
CA VAL A 177 14.86 -1.00 3.13
C VAL A 177 16.08 -1.89 3.31
N PRO A 178 17.23 -1.47 2.75
CA PRO A 178 18.47 -2.15 3.16
C PRO A 178 18.76 -1.94 4.65
N TRP A 179 18.26 -0.84 5.17
CA TRP A 179 18.20 -0.51 6.58
C TRP A 179 17.12 0.56 6.72
N MET A 180 16.70 0.83 7.94
CA MET A 180 15.67 1.84 8.22
C MET A 180 16.23 3.25 7.99
N GLY A 181 15.46 4.11 7.35
CA GLY A 181 15.78 5.52 7.26
C GLY A 181 15.92 6.25 8.59
N ARG A 182 16.45 7.47 8.53
CA ARG A 182 16.68 8.28 9.73
C ARG A 182 15.42 9.04 10.11
N ARG A 183 14.74 8.55 11.14
CA ARG A 183 13.46 9.10 11.57
C ARG A 183 13.68 10.09 12.71
N LEU A 184 13.77 11.37 12.40
CA LEU A 184 14.19 12.36 13.40
C LEU A 184 13.16 12.50 14.51
N ARG A 185 11.87 12.29 14.22
CA ARG A 185 10.86 12.31 15.29
C ARG A 185 11.13 11.21 16.29
N ASP A 186 11.46 10.02 15.79
CA ASP A 186 11.68 8.86 16.64
C ASP A 186 12.94 9.06 17.47
N MET A 187 13.96 9.66 16.86
CA MET A 187 15.20 9.97 17.57
C MET A 187 14.93 10.97 18.69
N ARG A 188 14.26 12.07 18.36
CA ARG A 188 13.97 13.12 19.33
C ARG A 188 13.08 12.62 20.47
N ASN A 189 12.11 11.76 20.16
CA ASN A 189 11.24 11.17 21.19
C ASN A 189 11.90 10.05 21.99
N GLY A 190 13.03 9.52 21.53
CA GLY A 190 13.61 8.30 22.09
C GLY A 190 12.67 7.10 21.96
N PHE A 191 12.01 6.98 20.80
CA PHE A 191 10.97 5.97 20.61
C PHE A 191 11.51 4.54 20.61
N ALA A 192 10.80 3.66 21.31
CA ALA A 192 11.09 2.23 21.28
C ALA A 192 9.76 1.50 21.41
N LEU A 193 9.70 0.26 20.94
CA LEU A 193 8.45 -0.50 21.06
C LEU A 193 8.13 -0.73 22.52
N PRO A 194 6.86 -0.58 22.91
CA PRO A 194 6.47 -1.02 24.24
C PRO A 194 6.74 -2.51 24.42
N GLU A 195 6.94 -2.93 25.66
CA GLU A 195 7.18 -4.34 25.94
C GLU A 195 6.05 -5.24 25.45
N TRP A 196 4.83 -4.70 25.38
CA TRP A 196 3.65 -5.47 24.96
C TRP A 196 3.51 -5.63 23.43
N VAL A 197 4.38 -5.00 22.64
CA VAL A 197 4.38 -5.14 21.17
C VAL A 197 5.65 -5.82 20.73
N THR A 198 5.52 -6.96 20.04
CA THR A 198 6.67 -7.67 19.51
C THR A 198 6.48 -8.06 18.05
N ALA A 199 7.59 -8.45 17.43
CA ALA A 199 7.56 -9.04 16.09
C ALA A 199 7.17 -10.51 16.20
N ALA A 200 5.87 -10.76 16.10
CA ALA A 200 5.30 -12.08 16.36
C ALA A 200 5.67 -13.20 15.41
N ASN A 201 6.22 -12.89 14.23
CA ASN A 201 6.66 -13.92 13.32
C ASN A 201 7.98 -14.54 13.67
N PHE A 202 8.67 -13.97 14.66
CA PHE A 202 10.01 -14.43 15.10
C PHE A 202 9.97 -15.02 16.51
N GLU A 225 19.01 -7.08 11.80
CA GLU A 225 18.15 -8.07 11.14
C GLU A 225 18.08 -7.86 9.62
N PHE A 226 17.76 -6.62 9.20
CA PHE A 226 17.62 -6.29 7.77
C PHE A 226 18.94 -6.59 7.05
N ALA A 227 18.84 -7.22 5.89
CA ALA A 227 19.96 -7.33 4.97
C ALA A 227 19.55 -6.66 3.68
N PRO A 228 20.50 -6.04 2.99
CA PRO A 228 20.14 -5.52 1.68
C PRO A 228 19.70 -6.67 0.78
N ALA A 229 18.55 -6.51 0.14
CA ALA A 229 18.14 -7.44 -0.90
C ALA A 229 18.79 -7.03 -2.21
N THR A 230 19.03 -8.01 -3.06
CA THR A 230 19.50 -7.74 -4.41
C THR A 230 18.63 -8.49 -5.42
N TRP A 231 18.91 -8.29 -6.70
CA TRP A 231 18.24 -9.04 -7.75
C TRP A 231 18.37 -10.57 -7.57
N GLU A 232 19.49 -11.00 -7.00
CA GLU A 232 19.67 -12.40 -6.65
C GLU A 232 18.63 -12.86 -5.63
N SER A 233 18.33 -12.01 -4.66
CA SER A 233 17.32 -12.31 -3.63
C SER A 233 15.97 -12.47 -4.29
N VAL A 234 15.66 -11.58 -5.23
CA VAL A 234 14.41 -11.68 -5.98
C VAL A 234 14.27 -13.02 -6.68
N GLU A 235 15.34 -13.46 -7.35
CA GLU A 235 15.32 -14.74 -8.04
C GLU A 235 15.13 -15.89 -7.06
N ALA A 236 15.76 -15.79 -5.89
CA ALA A 236 15.64 -16.85 -4.88
C ALA A 236 14.18 -16.96 -4.45
N VAL A 237 13.52 -15.83 -4.31
CA VAL A 237 12.13 -15.84 -3.89
C VAL A 237 11.26 -16.39 -4.98
N ARG A 238 11.47 -15.92 -6.20
CA ARG A 238 10.71 -16.37 -7.38
C ARG A 238 10.81 -17.88 -7.56
N ALA A 239 11.99 -18.45 -7.30
CA ALA A 239 12.20 -19.89 -7.40
C ALA A 239 11.55 -20.67 -6.26
N HIS A 240 11.27 -20.02 -5.14
CA HIS A 240 10.78 -20.68 -3.93
C HIS A 240 9.26 -20.75 -3.85
N THR A 241 8.57 -20.01 -4.72
CA THR A 241 7.11 -19.92 -4.65
C THR A 241 6.53 -19.80 -6.04
N ASP A 242 5.32 -20.30 -6.21
CA ASP A 242 4.57 -20.03 -7.42
C ASP A 242 3.67 -18.80 -7.26
N LEU A 243 3.64 -18.20 -6.07
CA LEU A 243 2.84 -16.98 -5.87
C LEU A 243 3.45 -15.83 -6.67
N PRO A 244 2.61 -14.88 -7.10
CA PRO A 244 3.16 -13.67 -7.72
C PRO A 244 4.05 -12.92 -6.76
N VAL A 245 5.21 -12.49 -7.25
CA VAL A 245 6.12 -11.67 -6.49
C VAL A 245 5.98 -10.23 -6.94
N VAL A 246 5.77 -9.35 -5.98
CA VAL A 246 5.49 -7.94 -6.23
C VAL A 246 6.57 -7.13 -5.59
N LEU A 247 7.34 -6.32 -6.35
CA LEU A 247 8.46 -5.61 -5.77
C LEU A 247 8.01 -4.21 -5.36
N LYS A 248 8.11 -3.90 -4.07
CA LYS A 248 7.58 -2.67 -3.53
C LYS A 248 8.71 -1.72 -3.20
N GLY A 249 8.63 -0.50 -3.73
CA GLY A 249 9.66 0.51 -3.51
C GLY A 249 10.43 0.85 -4.78
N ILE A 250 9.89 0.50 -5.94
CA ILE A 250 10.54 0.79 -7.24
C ILE A 250 10.21 2.23 -7.62
N LEU A 251 11.23 3.02 -7.97
CA LEU A 251 11.02 4.37 -8.50
C LEU A 251 11.71 4.63 -9.85
N ALA A 252 12.80 3.94 -10.14
CA ALA A 252 13.49 4.17 -11.42
C ALA A 252 12.85 3.35 -12.54
N VAL A 253 12.71 3.96 -13.70
CA VAL A 253 12.13 3.31 -14.83
C VAL A 253 12.84 2.03 -15.19
N GLU A 254 14.18 2.05 -15.16
CA GLU A 254 14.96 0.87 -15.50
CA GLU A 254 14.88 0.83 -15.55
C GLU A 254 14.74 -0.27 -14.49
N ASP A 255 14.53 0.09 -13.22
CA ASP A 255 14.23 -0.92 -12.22
C ASP A 255 12.84 -1.55 -12.44
N ALA A 256 11.88 -0.77 -12.91
CA ALA A 256 10.58 -1.31 -13.27
C ALA A 256 10.72 -2.29 -14.42
N ARG A 257 11.49 -1.88 -15.44
CA ARG A 257 11.71 -2.79 -16.55
C ARG A 257 12.40 -4.07 -16.13
N ARG A 258 13.42 -3.93 -15.29
CA ARG A 258 14.14 -5.09 -14.83
C ARG A 258 13.26 -6.00 -13.97
N ALA A 259 12.33 -5.39 -13.20
CA ALA A 259 11.39 -6.18 -12.43
C ALA A 259 10.58 -7.11 -13.33
N VAL A 260 10.10 -6.58 -14.46
CA VAL A 260 9.37 -7.41 -15.39
C VAL A 260 10.23 -8.55 -15.94
N ASP A 261 11.46 -8.18 -16.31
CA ASP A 261 12.44 -9.17 -16.84
C ASP A 261 12.73 -10.26 -15.82
N ALA A 262 12.74 -9.88 -14.54
CA ALA A 262 12.99 -10.79 -13.43
C ALA A 262 11.81 -11.69 -13.08
N GLY A 263 10.66 -11.50 -13.71
CA GLY A 263 9.51 -12.35 -13.49
C GLY A 263 8.57 -11.85 -12.42
N ALA A 264 8.74 -10.61 -11.98
CA ALA A 264 7.77 -10.02 -11.06
C ALA A 264 6.39 -9.99 -11.67
N GLY A 265 5.38 -10.32 -10.85
CA GLY A 265 3.99 -10.13 -11.22
C GLY A 265 3.43 -8.74 -11.03
N GLY A 266 4.15 -7.94 -10.27
CA GLY A 266 3.76 -6.56 -10.03
C GLY A 266 4.89 -5.79 -9.40
N ILE A 267 4.73 -4.48 -9.39
CA ILE A 267 5.59 -3.58 -8.66
C ILE A 267 4.71 -2.59 -7.92
N VAL A 268 5.22 -2.05 -6.84
CA VAL A 268 4.58 -0.90 -6.19
C VAL A 268 5.56 0.26 -6.31
N VAL A 269 5.13 1.26 -7.05
CA VAL A 269 5.88 2.46 -7.26
C VAL A 269 5.69 3.33 -6.01
N SER A 270 6.77 3.57 -5.27
CA SER A 270 6.67 3.96 -3.88
C SER A 270 7.96 4.52 -3.35
N ASN A 271 7.87 5.56 -2.53
CA ASN A 271 9.01 6.03 -1.75
C ASN A 271 8.85 5.67 -0.28
N HIS A 272 8.05 4.64 0.01
CA HIS A 272 7.85 4.13 1.36
C HIS A 272 7.22 5.21 2.24
N GLY A 273 6.27 5.97 1.70
CA GLY A 273 5.58 7.01 2.49
C GLY A 273 6.51 8.06 3.04
N GLY A 274 7.61 8.32 2.32
CA GLY A 274 8.56 9.31 2.74
C GLY A 274 9.40 8.94 3.94
N ARG A 275 9.46 7.65 4.25
CA ARG A 275 10.15 7.16 5.44
C ARG A 275 11.56 6.63 5.21
N GLN A 276 11.97 6.51 3.94
CA GLN A 276 13.26 5.91 3.61
C GLN A 276 14.23 7.00 3.10
N LEU A 277 14.47 7.11 1.79
CA LEU A 277 15.36 8.20 1.33
C LEU A 277 14.61 9.51 1.37
N ASP A 278 15.06 10.48 2.17
CA ASP A 278 14.50 11.81 2.17
C ASP A 278 15.01 12.55 0.95
N GLY A 279 14.10 12.99 0.11
CA GLY A 279 14.48 13.52 -1.21
C GLY A 279 14.18 12.56 -2.34
N ALA A 280 13.74 11.33 -2.04
CA ALA A 280 13.23 10.45 -3.08
C ALA A 280 11.98 11.01 -3.72
N VAL A 281 11.95 10.98 -5.04
CA VAL A 281 10.79 11.36 -5.81
C VAL A 281 9.53 10.60 -5.33
N PRO A 282 8.38 11.29 -5.32
CA PRO A 282 7.14 10.55 -5.11
C PRO A 282 6.85 9.53 -6.17
N GLY A 283 6.28 8.40 -5.81
CA GLY A 283 5.88 7.42 -6.76
C GLY A 283 4.93 7.95 -7.81
N ILE A 284 3.98 8.79 -7.38
CA ILE A 284 3.01 9.35 -8.31
CA ILE A 284 3.01 9.38 -8.29
C ILE A 284 3.67 10.16 -9.42
N GLU A 285 4.86 10.69 -9.18
CA GLU A 285 5.57 11.47 -10.23
C GLU A 285 6.29 10.56 -11.22
N MET A 286 6.56 9.33 -10.85
CA MET A 286 7.18 8.35 -11.74
C MET A 286 6.23 7.40 -12.42
N LEU A 287 5.00 7.34 -11.90
CA LEU A 287 4.05 6.32 -12.30
C LEU A 287 3.77 6.27 -13.79
N GLY A 288 3.49 7.42 -14.43
CA GLY A 288 3.13 7.38 -15.84
C GLY A 288 4.27 6.84 -16.71
N GLU A 289 5.47 7.30 -16.41
CA GLU A 289 6.64 6.85 -17.14
C GLU A 289 6.88 5.36 -16.96
N ILE A 290 6.68 4.88 -15.73
CA ILE A 290 6.84 3.47 -15.45
C ILE A 290 5.77 2.63 -16.14
N VAL A 291 4.53 3.10 -16.11
CA VAL A 291 3.46 2.36 -16.77
C VAL A 291 3.75 2.19 -18.26
N ALA A 292 4.21 3.27 -18.89
CA ALA A 292 4.58 3.22 -20.29
C ALA A 292 5.72 2.22 -20.56
N ALA A 293 6.72 2.23 -19.69
CA ALA A 293 7.90 1.38 -19.90
C ALA A 293 7.59 -0.11 -19.74
N VAL A 294 6.71 -0.47 -18.80
N VAL A 294 6.67 -0.39 -18.81
CA VAL A 294 6.44 -1.88 -18.62
CA VAL A 294 6.31 -1.74 -18.43
C VAL A 294 5.45 -2.40 -19.64
C VAL A 294 5.48 -2.45 -19.52
N SER A 295 4.62 -1.50 -20.17
N SER A 295 4.82 -1.65 -20.36
CA SER A 295 3.73 -1.82 -21.28
CA SER A 295 3.99 -2.17 -21.47
C SER A 295 2.99 -3.15 -21.08
C SER A 295 3.05 -3.33 -21.07
N GLY A 296 2.34 -3.20 -19.95
CA GLY A 296 1.45 -4.30 -19.54
C GLY A 296 2.15 -5.55 -19.06
N GLY A 297 3.45 -5.51 -18.88
CA GLY A 297 4.19 -6.70 -18.47
C GLY A 297 4.04 -7.15 -17.03
N CYS A 298 3.55 -6.26 -16.17
CA CYS A 298 3.21 -6.61 -14.79
C CYS A 298 2.20 -5.57 -14.30
N GLU A 299 1.57 -5.87 -13.17
CA GLU A 299 0.71 -4.90 -12.53
C GLU A 299 1.59 -3.79 -11.96
N VAL A 300 1.11 -2.54 -12.05
CA VAL A 300 1.83 -1.41 -11.51
C VAL A 300 0.94 -0.72 -10.49
N LEU A 301 1.29 -0.89 -9.22
CA LEU A 301 0.59 -0.22 -8.13
C LEU A 301 1.35 1.03 -7.71
N VAL A 302 0.72 1.91 -6.98
CA VAL A 302 1.38 3.08 -6.43
C VAL A 302 0.92 3.27 -5.02
N ASP A 303 1.74 3.92 -4.22
CA ASP A 303 1.31 4.39 -2.93
C ASP A 303 1.96 5.68 -2.53
N GLY A 304 1.57 6.21 -1.39
CA GLY A 304 2.11 7.45 -0.87
C GLY A 304 1.10 8.57 -0.97
N GLY A 305 0.49 8.95 0.14
CA GLY A 305 -0.40 10.10 0.16
C GLY A 305 -1.80 9.92 -0.35
N ILE A 306 -2.25 8.69 -0.61
CA ILE A 306 -3.62 8.49 -1.06
C ILE A 306 -4.57 8.80 0.12
N ARG A 307 -5.43 9.80 -0.04
CA ARG A 307 -6.28 10.31 1.08
C ARG A 307 -7.75 10.46 0.69
N SER A 308 -8.14 9.96 -0.48
CA SER A 308 -9.51 10.03 -0.92
C SER A 308 -9.76 9.16 -2.13
N GLY A 309 -11.02 8.95 -2.44
CA GLY A 309 -11.40 8.29 -3.66
C GLY A 309 -10.94 9.10 -4.87
N GLY A 310 -10.93 10.43 -4.79
CA GLY A 310 -10.42 11.22 -5.86
C GLY A 310 -8.95 10.97 -6.11
N ASP A 311 -8.18 10.79 -5.05
CA ASP A 311 -6.77 10.43 -5.20
C ASP A 311 -6.62 9.08 -5.88
N VAL A 312 -7.46 8.13 -5.51
CA VAL A 312 -7.47 6.82 -6.19
C VAL A 312 -7.72 7.01 -7.70
N LEU A 313 -8.68 7.85 -8.04
CA LEU A 313 -8.97 8.13 -9.43
C LEU A 313 -7.75 8.73 -10.13
N LYS A 314 -7.09 9.68 -9.47
CA LYS A 314 -5.90 10.28 -10.09
C LYS A 314 -4.85 9.21 -10.38
N ALA A 315 -4.58 8.35 -9.40
CA ALA A 315 -3.60 7.29 -9.56
C ALA A 315 -3.98 6.38 -10.73
N THR A 316 -5.27 6.01 -10.81
CA THR A 316 -5.76 5.17 -11.87
CA THR A 316 -5.68 5.13 -11.90
C THR A 316 -5.57 5.86 -13.24
N ALA A 317 -5.91 7.13 -13.30
CA ALA A 317 -5.81 7.90 -14.53
C ALA A 317 -4.36 8.01 -15.01
N LEU A 318 -3.43 8.00 -14.06
CA LEU A 318 -1.99 7.98 -14.38
C LEU A 318 -1.50 6.59 -14.74
N GLY A 319 -2.35 5.58 -14.62
CA GLY A 319 -2.06 4.25 -15.12
C GLY A 319 -1.93 3.16 -14.08
N ALA A 320 -2.11 3.48 -12.80
CA ALA A 320 -2.01 2.45 -11.75
C ALA A 320 -3.08 1.38 -11.89
N SER A 321 -2.68 0.15 -11.61
CA SER A 321 -3.60 -0.98 -11.50
C SER A 321 -4.42 -0.87 -10.22
N ALA A 322 -3.78 -0.37 -9.17
CA ALA A 322 -4.34 -0.24 -7.84
C ALA A 322 -3.44 0.61 -6.99
N VAL A 323 -3.93 1.04 -5.86
CA VAL A 323 -3.15 1.77 -4.90
C VAL A 323 -3.00 0.99 -3.61
N LEU A 324 -2.01 1.36 -2.81
CA LEU A 324 -1.99 0.98 -1.38
C LEU A 324 -2.27 2.18 -0.54
N VAL A 325 -2.90 1.96 0.61
CA VAL A 325 -3.20 3.00 1.56
C VAL A 325 -2.63 2.58 2.92
N GLY A 326 -1.81 3.44 3.51
CA GLY A 326 -1.14 3.13 4.77
C GLY A 326 -1.68 3.90 5.95
N ARG A 327 -1.16 5.10 6.18
CA ARG A 327 -1.49 5.86 7.40
C ARG A 327 -2.99 5.97 7.68
N PRO A 328 -3.85 6.23 6.68
CA PRO A 328 -5.26 6.40 7.02
C PRO A 328 -5.90 5.17 7.63
N VAL A 329 -5.44 4.00 7.25
CA VAL A 329 -6.01 2.76 7.78
C VAL A 329 -5.63 2.69 9.26
N MET A 330 -4.43 3.13 9.62
CA MET A 330 -3.98 3.12 11.00
C MET A 330 -4.69 4.18 11.80
N TRP A 331 -5.01 5.32 11.19
CA TRP A 331 -5.81 6.34 11.89
C TRP A 331 -7.14 5.74 12.30
N ALA A 332 -7.79 5.04 11.37
CA ALA A 332 -9.09 4.44 11.62
C ALA A 332 -8.99 3.37 12.70
N LEU A 333 -7.97 2.53 12.60
CA LEU A 333 -7.71 1.52 13.63
C LEU A 333 -7.56 2.16 15.02
N ALA A 334 -6.75 3.19 15.13
CA ALA A 334 -6.52 3.88 16.40
C ALA A 334 -7.81 4.49 16.91
N ALA A 335 -8.58 5.10 16.02
CA ALA A 335 -9.78 5.83 16.43
C ALA A 335 -10.90 4.92 16.90
N ALA A 336 -11.07 3.77 16.27
CA ALA A 336 -12.26 2.95 16.55
C ALA A 336 -12.13 1.46 16.22
N GLY A 337 -10.91 0.96 16.18
CA GLY A 337 -10.68 -0.46 16.00
C GLY A 337 -11.22 -1.01 14.70
N GLN A 338 -11.72 -2.23 14.72
CA GLN A 338 -12.26 -2.85 13.53
C GLN A 338 -13.36 -2.01 12.88
N ASP A 339 -14.29 -1.50 13.69
CA ASP A 339 -15.38 -0.71 13.15
CA ASP A 339 -15.39 -0.72 13.14
C ASP A 339 -14.87 0.56 12.49
N GLY A 340 -13.82 1.15 13.05
CA GLY A 340 -13.17 2.33 12.45
C GLY A 340 -12.65 2.00 11.06
N VAL A 341 -11.96 0.88 10.93
CA VAL A 341 -11.41 0.51 9.63
C VAL A 341 -12.55 0.23 8.67
N ARG A 342 -13.60 -0.46 9.11
CA ARG A 342 -14.77 -0.66 8.30
C ARG A 342 -15.32 0.66 7.78
N GLN A 343 -15.48 1.64 8.65
CA GLN A 343 -16.06 2.92 8.25
C GLN A 343 -15.15 3.61 7.21
N LEU A 344 -13.84 3.54 7.45
CA LEU A 344 -12.88 4.12 6.50
C LEU A 344 -13.04 3.47 5.14
N LEU A 345 -13.08 2.14 5.08
CA LEU A 345 -13.18 1.46 3.81
C LEU A 345 -14.49 1.71 3.11
N GLU A 346 -15.59 1.82 3.86
CA GLU A 346 -16.87 2.17 3.26
C GLU A 346 -16.84 3.60 2.70
N LEU A 347 -16.18 4.50 3.41
CA LEU A 347 -16.05 5.89 2.94
C LEU A 347 -15.22 5.92 1.65
N LEU A 348 -14.07 5.25 1.68
CA LEU A 348 -13.25 5.19 0.47
C LEU A 348 -13.98 4.57 -0.69
N ALA A 349 -14.72 3.49 -0.46
CA ALA A 349 -15.50 2.88 -1.50
C ALA A 349 -16.50 3.84 -2.11
N GLU A 350 -17.20 4.60 -1.26
CA GLU A 350 -18.17 5.56 -1.76
C GLU A 350 -17.46 6.66 -2.55
N GLU A 351 -16.32 7.13 -2.06
CA GLU A 351 -15.61 8.20 -2.74
C GLU A 351 -15.09 7.73 -4.10
N VAL A 352 -14.63 6.48 -4.18
CA VAL A 352 -14.14 5.94 -5.44
C VAL A 352 -15.27 5.82 -6.46
N ARG A 353 -16.40 5.28 -6.03
N ARG A 353 -16.42 5.28 -6.04
CA ARG A 353 -17.56 5.17 -6.89
CA ARG A 353 -17.55 5.15 -6.93
C ARG A 353 -18.01 6.54 -7.39
C ARG A 353 -18.04 6.53 -7.39
N ASP A 354 -18.11 7.48 -6.45
CA ASP A 354 -18.52 8.86 -6.76
C ASP A 354 -17.59 9.48 -7.81
N ALA A 355 -16.29 9.41 -7.55
CA ALA A 355 -15.30 10.02 -8.46
C ALA A 355 -15.33 9.38 -9.83
N MET A 356 -15.39 8.05 -9.87
CA MET A 356 -15.45 7.35 -11.13
C MET A 356 -16.64 7.75 -11.98
N GLY A 357 -17.82 7.80 -11.36
CA GLY A 357 -19.01 8.14 -12.10
C GLY A 357 -19.04 9.58 -12.55
N LEU A 358 -18.62 10.47 -11.66
CA LEU A 358 -18.54 11.88 -12.04
C LEU A 358 -17.56 12.07 -13.20
N ALA A 359 -16.54 11.21 -13.29
CA ALA A 359 -15.56 11.27 -14.39
C ALA A 359 -15.93 10.46 -15.63
N GLY A 360 -17.13 9.88 -15.64
CA GLY A 360 -17.65 9.13 -16.74
C GLY A 360 -17.10 7.74 -16.93
N CYS A 361 -16.73 7.11 -15.83
CA CYS A 361 -16.08 5.80 -15.89
C CYS A 361 -16.93 4.73 -15.23
N GLU A 362 -17.36 3.77 -16.02
CA GLU A 362 -18.19 2.68 -15.51
C GLU A 362 -17.31 1.56 -14.99
N SER A 363 -16.01 1.60 -15.25
CA SER A 363 -15.09 0.59 -14.80
C SER A 363 -13.72 1.22 -14.51
N VAL A 364 -12.91 0.51 -13.75
CA VAL A 364 -11.55 0.96 -13.48
C VAL A 364 -10.73 1.05 -14.77
N GLY A 365 -10.95 0.11 -15.70
CA GLY A 365 -10.25 0.20 -16.98
C GLY A 365 -10.54 1.52 -17.68
N ALA A 366 -11.80 1.97 -17.68
CA ALA A 366 -12.11 3.26 -18.23
C ALA A 366 -11.39 4.40 -17.51
N ALA A 367 -11.30 4.31 -16.18
CA ALA A 367 -10.60 5.31 -15.42
C ALA A 367 -9.11 5.38 -15.82
N ARG A 368 -8.52 4.23 -16.14
CA ARG A 368 -7.11 4.23 -16.56
C ARG A 368 -6.91 4.98 -17.89
N ARG A 369 -7.94 5.08 -18.70
CA ARG A 369 -7.89 5.80 -19.98
C ARG A 369 -8.20 7.28 -19.88
N LEU A 370 -8.54 7.76 -18.68
CA LEU A 370 -8.69 9.20 -18.48
C LEU A 370 -7.39 9.92 -18.67
N ASN A 371 -7.48 11.14 -19.19
CA ASN A 371 -6.32 12.02 -19.22
C ASN A 371 -6.28 12.95 -18.01
N THR A 372 -5.10 13.47 -17.76
CA THR A 372 -4.83 14.38 -16.66
C THR A 372 -4.11 15.59 -17.16
N LYS A 373 -4.10 16.62 -16.31
CA LYS A 373 -3.37 17.86 -16.57
C LYS A 373 -2.72 18.29 -15.29
N LEU A 374 -1.46 18.69 -15.35
CA LEU A 374 -0.83 19.29 -14.17
C LEU A 374 -1.29 20.73 -14.01
N GLY A 375 -1.53 21.13 -12.76
CA GLY A 375 -1.87 22.52 -12.41
C GLY A 375 -0.79 23.08 -11.49
OBD 9P9 B . 1.18 6.12 4.48
PBB 9P9 B . 0.71 6.51 3.12
OBE 9P9 B . -0.31 5.64 2.44
OBC 9P9 B . 0.87 7.92 2.61
OAX 9P9 B . 2.12 6.00 2.36
CAW 9P9 B . 2.35 4.68 1.94
CAV 9P9 B . 3.11 3.91 3.04
OAZ 9P9 B . 2.25 3.79 4.21
CAU 9P9 B . 3.42 2.50 2.57
OBA 9P9 B . 4.47 2.52 1.59
CAT 9P9 B . 3.87 1.56 3.71
OAY 9P9 B . 3.69 0.22 3.22
CAS 9P9 B . 5.31 1.83 4.23
NAG 9P9 B . 5.56 1.08 5.55
CAD 9P9 B . 5.20 1.63 6.76
CAC 9P9 B . 4.37 2.74 6.80
CAB 9P9 B . 3.93 3.32 7.99
CAP 9P9 B . 3.09 4.47 7.99
CAA 9P9 B . 4.31 2.70 9.18
CAO 9P9 B . 3.88 3.23 10.44
CAF 9P9 B . 5.11 1.55 9.16
CAE 9P9 B . 5.53 0.97 7.97
N 9P9 B . 6.36 -0.06 7.90
CBH 9P9 B . 7.43 -0.07 8.75
OBI 9P9 B . 7.53 0.72 9.72
CBF 9P9 B . 8.57 -1.03 8.56
CBG 9P9 B . 9.76 -0.09 9.00
CBJ 9P9 B . 11.11 -0.44 8.34
FBK 9P9 B . 12.12 0.41 8.56
CBL 9P9 B . 9.37 1.42 8.89
OBN 9P9 B . 9.07 2.02 7.78
OBM 9P9 B . 9.36 1.98 10.03
OBO 9P9 B . 9.95 -0.37 10.38
CA 9P9 B . 6.09 -0.90 6.71
CAH 9P9 B . 6.04 -0.17 5.52
NAK 9P9 B . 6.25 -0.77 4.33
CAL 9P9 B . 6.61 -2.09 4.24
OAQ 9P9 B . 6.82 -2.65 3.15
NAM 9P9 B . 6.74 -2.84 5.41
C 9P9 B . 6.62 -2.21 6.63
O 9P9 B . 6.69 -2.94 7.64
CAP 9PF C . 3.26 4.46 7.99
CAQ 9PF C . 4.25 3.30 10.40
CBB 9PF C . 5.29 1.65 6.66
CBA 9PF C . 5.70 1.05 7.84
CAZ 9PF C . 5.38 1.63 9.06
CAM 9PF C . 5.22 1.80 4.20
PAD 9PF C . 0.79 6.40 2.99
OAB 9PF C . -0.69 6.03 2.57
OAE 9PF C . 4.45 2.36 1.54
OAC 9PF C . 0.98 7.88 3.00
CAL 9PF C . 3.79 1.50 3.70
CAT 9PF C . 6.69 -2.02 4.12
CAI 9PF C . 2.09 4.34 2.07
CAJ 9PF C . 3.21 3.86 2.99
OAA 9PF C . 0.83 5.93 4.48
OAH 9PF C . 1.93 5.71 2.08
OAF 9PF C . 2.80 3.98 4.38
CAK 9PF C . 3.42 2.41 2.54
OAG 9PF C . 3.70 0.15 3.22
NAY 9PF C . 5.58 1.07 5.46
CBC 9PF C . 4.44 2.75 6.73
CBD 9PF C . 4.09 3.33 7.95
CBE 9PF C . 4.57 2.76 9.13
N 9PF C . 6.54 0.02 7.75
CBF 9PF C . 7.75 0.14 8.59
CBH 9PF C . 8.99 -0.49 8.02
FBI 9PF C . 8.98 -0.63 6.87
OBG 9PF C . 7.46 -0.30 9.90
CA 9PF C . 6.47 -0.84 6.58
CAX 9PF C . 6.05 -0.19 5.40
NAU 9PF C . 6.24 -0.77 4.22
OAO 9PF C . 6.84 -2.58 3.04
NAS 9PF C . 6.99 -2.72 5.29
C 9PF C . 6.83 -2.11 6.51
O 9PF C . 7.14 -2.76 7.52
#